data_7CIA
#
_entry.id   7CIA
#
_cell.length_a   35.910
_cell.length_b   76.250
_cell.length_c   97.490
_cell.angle_alpha   90.00
_cell.angle_beta   90.00
_cell.angle_gamma   90.00
#
_symmetry.space_group_name_H-M   'P 21 21 21'
#
loop_
_entity.id
_entity.type
_entity.pdbx_description
1 polymer 'UDP-3-O-acyl-N-acetylglucosamine deacetylase'
2 non-polymer '4-HYDROXY-BENZOIC ACID METHYL ESTER'
3 non-polymer 'ZINC ION'
4 water water
#
_entity_poly.entity_id   1
_entity_poly.type   'polypeptide(L)'
_entity_poly.pdbx_seq_one_letter_code
;MIKQRTLKNIIRATGVGLHSGEKVYLTLKPAPVDTGIVFSRTDLDPVVEIPARAENVGETTMSTTLVKGDVKVDTVEHLL
SAMAGLGIDNAYVELSASEVPIMDGSAGPFVFLIQSAGLQEQEAAKKFIRIKREVSVEEGDKRAVFVPFDGFKVSFEIDF
DHPVFRGRTQQASVDFSSTSFVKEVSRARTFGFMRDIEYLRSQNLALGGSVENAIVVDENRVLNEDGLRYEDEFVKHKIL
DAIGDLYLLGNSLIGEFRGFKSGHALNNQLLRTLIADKDAWEVVTFEDARTAPISYMRP
;
_entity_poly.pdbx_strand_id   A
#
# COMPACT_ATOMS: atom_id res chain seq x y z
N MET A 1 25.68 -3.35 7.29
CA MET A 1 24.63 -3.70 6.26
C MET A 1 23.32 -2.94 6.51
N ILE A 2 22.49 -2.82 5.48
CA ILE A 2 21.04 -2.54 5.69
C ILE A 2 20.40 -3.80 6.30
N LYS A 3 19.88 -3.68 7.52
CA LYS A 3 19.29 -4.82 8.27
C LYS A 3 17.78 -4.92 8.02
N GLN A 4 17.24 -6.12 8.11
CA GLN A 4 15.79 -6.31 8.20
C GLN A 4 15.30 -5.52 9.42
N ARG A 5 14.03 -5.12 9.38
CA ARG A 5 13.35 -4.43 10.51
C ARG A 5 12.05 -5.12 10.88
N THR A 6 11.75 -5.11 12.17
CA THR A 6 10.42 -5.44 12.72
C THR A 6 10.03 -4.34 13.68
N LEU A 7 8.91 -4.54 14.35
CA LEU A 7 8.41 -3.62 15.39
C LEU A 7 9.21 -3.83 16.70
N LYS A 8 9.37 -2.77 17.47
CA LYS A 8 10.02 -2.76 18.79
C LYS A 8 9.06 -3.34 19.84
N ASN A 9 7.75 -3.11 19.66
CA ASN A 9 6.69 -3.31 20.66
C ASN A 9 5.39 -3.62 19.93
N ILE A 10 4.48 -4.33 20.58
CA ILE A 10 3.10 -4.59 20.04
C ILE A 10 2.37 -3.26 20.01
N ILE A 11 1.59 -2.98 18.97
CA ILE A 11 0.65 -1.83 19.09
C ILE A 11 -0.73 -2.20 18.56
N ARG A 12 -1.70 -1.48 19.08
CA ARG A 12 -3.12 -1.82 18.92
C ARG A 12 -3.84 -0.61 18.35
N ALA A 13 -4.85 -0.86 17.54
CA ALA A 13 -5.73 0.19 17.00
C ALA A 13 -7.10 -0.43 16.77
N THR A 14 -8.13 0.41 16.78
CA THR A 14 -9.52 0.04 16.50
C THR A 14 -9.99 0.90 15.34
N GLY A 15 -10.78 0.36 14.43
CA GLY A 15 -11.45 1.15 13.39
C GLY A 15 -12.55 0.32 12.78
N VAL A 16 -12.92 0.69 11.57
CA VAL A 16 -13.99 0.00 10.78
C VAL A 16 -13.43 -0.25 9.37
N GLY A 17 -13.85 -1.35 8.75
CA GLY A 17 -13.55 -1.61 7.33
C GLY A 17 -14.22 -0.58 6.45
N LEU A 18 -13.49 -0.03 5.49
CA LEU A 18 -14.08 0.85 4.44
C LEU A 18 -15.21 0.10 3.72
N HIS A 19 -14.96 -1.12 3.28
CA HIS A 19 -15.88 -1.83 2.36
C HIS A 19 -17.00 -2.54 3.16
N SER A 20 -16.62 -3.21 4.23
CA SER A 20 -17.55 -4.04 5.03
C SER A 20 -18.34 -3.14 6.00
N GLY A 21 -17.78 -2.02 6.46
CA GLY A 21 -18.36 -1.20 7.55
C GLY A 21 -18.29 -1.90 8.89
N GLU A 22 -17.60 -3.05 9.00
CA GLU A 22 -17.53 -3.84 10.26
C GLU A 22 -16.46 -3.27 11.19
N LYS A 23 -16.71 -3.27 12.51
CA LYS A 23 -15.71 -2.88 13.53
C LYS A 23 -14.58 -3.92 13.55
N VAL A 24 -13.33 -3.49 13.74
CA VAL A 24 -12.15 -4.40 13.72
C VAL A 24 -11.08 -3.89 14.70
N TYR A 25 -10.48 -4.83 15.43
CA TYR A 25 -9.31 -4.66 16.31
C TYR A 25 -8.08 -5.13 15.53
N LEU A 26 -7.13 -4.21 15.42
CA LEU A 26 -5.86 -4.46 14.69
C LEU A 26 -4.74 -4.57 15.74
N THR A 27 -3.90 -5.58 15.60
CA THR A 27 -2.69 -5.72 16.45
C THR A 27 -1.48 -5.91 15.52
N LEU A 28 -0.48 -5.05 15.65
CA LEU A 28 0.81 -5.28 14.97
C LEU A 28 1.79 -5.89 15.97
N LYS A 29 2.43 -6.99 15.60
CA LYS A 29 3.38 -7.74 16.45
C LYS A 29 4.72 -7.90 15.71
N PRO A 30 5.82 -7.88 16.49
CA PRO A 30 7.15 -8.24 15.98
C PRO A 30 7.12 -9.64 15.40
N ALA A 31 7.98 -9.92 14.42
CA ALA A 31 8.11 -11.22 13.75
C ALA A 31 9.60 -11.49 13.50
N PRO A 32 10.02 -12.77 13.49
CA PRO A 32 11.41 -13.12 13.25
C PRO A 32 11.90 -12.76 11.83
N VAL A 33 13.21 -12.78 11.65
CA VAL A 33 13.88 -12.61 10.33
C VAL A 33 13.22 -13.48 9.26
N ASP A 34 13.04 -12.94 8.06
CA ASP A 34 12.49 -13.65 6.87
C ASP A 34 11.07 -14.16 7.10
N THR A 35 10.30 -13.58 8.03
CA THR A 35 8.87 -13.92 8.12
C THR A 35 8.10 -13.21 7.01
N GLY A 36 8.47 -11.97 6.69
CA GLY A 36 7.64 -11.12 5.85
C GLY A 36 6.47 -10.54 6.63
N ILE A 37 5.50 -9.97 5.94
CA ILE A 37 4.26 -9.44 6.56
C ILE A 37 3.24 -10.57 6.48
N VAL A 38 2.73 -11.05 7.61
CA VAL A 38 1.72 -12.13 7.65
C VAL A 38 0.46 -11.61 8.38
N PHE A 39 -0.66 -11.70 7.71
CA PHE A 39 -1.97 -11.30 8.27
C PHE A 39 -2.53 -12.52 8.97
N SER A 40 -3.20 -12.29 10.09
CA SER A 40 -3.80 -13.36 10.91
C SER A 40 -5.24 -13.00 11.26
N ARG A 41 -6.19 -13.90 10.99
CA ARG A 41 -7.61 -13.72 11.40
C ARG A 41 -7.82 -14.37 12.78
N THR A 42 -7.72 -13.57 13.84
CA THR A 42 -7.75 -14.06 15.24
C THR A 42 -9.20 -14.33 15.70
N ASP A 43 -10.23 -13.87 14.98
CA ASP A 43 -11.67 -14.14 15.25
C ASP A 43 -12.06 -15.58 14.86
N LEU A 44 -11.26 -16.25 14.05
CA LEU A 44 -11.58 -17.61 13.53
C LEU A 44 -10.96 -18.64 14.46
N ASP A 45 -11.64 -19.79 14.63
CA ASP A 45 -11.03 -20.94 15.33
C ASP A 45 -11.04 -22.16 14.42
N PRO A 46 -9.87 -22.73 14.05
CA PRO A 46 -8.58 -22.16 14.41
C PRO A 46 -8.26 -20.87 13.65
N VAL A 47 -7.25 -20.16 14.14
CA VAL A 47 -6.72 -18.88 13.58
C VAL A 47 -6.20 -19.20 12.19
N VAL A 48 -6.36 -18.30 11.22
CA VAL A 48 -5.87 -18.49 9.81
C VAL A 48 -4.84 -17.38 9.51
N GLU A 49 -3.63 -17.78 9.13
CA GLU A 49 -2.58 -16.84 8.68
C GLU A 49 -2.65 -16.77 7.16
N ILE A 50 -2.44 -15.59 6.60
CA ILE A 50 -2.25 -15.37 5.13
C ILE A 50 -1.04 -14.46 4.96
N PRO A 51 0.10 -14.99 4.50
CA PRO A 51 1.23 -14.16 4.13
C PRO A 51 0.81 -13.13 3.05
N ALA A 52 1.36 -11.93 3.16
CA ALA A 52 1.15 -10.76 2.29
C ALA A 52 2.09 -10.94 1.09
N ARG A 53 1.67 -11.80 0.18
CA ARG A 53 2.43 -12.20 -1.03
C ARG A 53 1.48 -12.17 -2.22
N ALA A 54 2.00 -11.82 -3.39
CA ALA A 54 1.27 -11.63 -4.65
C ALA A 54 0.38 -12.84 -4.93
N GLU A 55 0.88 -14.07 -4.72
CA GLU A 55 0.13 -15.33 -5.01
C GLU A 55 -1.09 -15.49 -4.09
N ASN A 56 -1.21 -14.77 -2.98
CA ASN A 56 -2.43 -14.83 -2.11
C ASN A 56 -3.47 -13.74 -2.41
N VAL A 57 -3.25 -12.88 -3.39
CA VAL A 57 -4.24 -11.85 -3.83
C VAL A 57 -5.36 -12.59 -4.59
N GLY A 58 -6.57 -12.57 -4.05
CA GLY A 58 -7.71 -13.32 -4.57
C GLY A 58 -8.73 -12.44 -5.25
N GLU A 59 -8.86 -11.18 -4.83
CA GLU A 59 -9.83 -10.19 -5.36
C GLU A 59 -9.15 -8.81 -5.40
N THR A 60 -9.47 -8.02 -6.42
CA THR A 60 -8.85 -6.70 -6.67
C THR A 60 -9.89 -5.67 -7.14
N THR A 61 -11.11 -5.71 -6.60
CA THR A 61 -12.23 -4.92 -7.15
C THR A 61 -12.03 -3.44 -6.83
N MET A 62 -11.96 -3.05 -5.57
CA MET A 62 -11.71 -1.64 -5.18
C MET A 62 -10.77 -1.60 -3.97
N SER A 63 -9.86 -2.57 -3.92
CA SER A 63 -8.87 -2.76 -2.84
C SER A 63 -8.13 -4.05 -3.18
N THR A 64 -7.08 -4.34 -2.45
CA THR A 64 -6.35 -5.61 -2.62
C THR A 64 -6.81 -6.52 -1.47
N THR A 65 -7.33 -7.69 -1.84
CA THR A 65 -7.89 -8.69 -0.90
C THR A 65 -6.99 -9.91 -0.89
N LEU A 66 -6.45 -10.27 0.26
CA LEU A 66 -5.74 -11.58 0.43
C LEU A 66 -6.80 -12.64 0.70
N VAL A 67 -6.63 -13.85 0.17
CA VAL A 67 -7.69 -14.89 0.27
C VAL A 67 -6.97 -16.24 0.51
N LYS A 68 -7.41 -17.02 1.50
CA LYS A 68 -7.12 -18.47 1.62
C LYS A 68 -8.45 -19.20 1.71
N GLY A 69 -8.85 -19.89 0.63
CA GLY A 69 -10.17 -20.53 0.53
C GLY A 69 -11.26 -19.49 0.73
N ASP A 70 -12.08 -19.66 1.76
CA ASP A 70 -13.21 -18.78 2.13
C ASP A 70 -12.74 -17.66 3.08
N VAL A 71 -11.47 -17.66 3.49
CA VAL A 71 -10.98 -16.64 4.45
C VAL A 71 -10.37 -15.44 3.67
N LYS A 72 -10.81 -14.24 3.99
CA LYS A 72 -10.39 -12.99 3.29
C LYS A 72 -9.77 -12.04 4.29
N VAL A 73 -8.76 -11.30 3.86
CA VAL A 73 -8.32 -10.06 4.53
C VAL A 73 -8.33 -8.95 3.48
N ASP A 74 -9.26 -8.03 3.60
CA ASP A 74 -9.52 -7.01 2.56
C ASP A 74 -8.77 -5.72 2.93
N THR A 75 -8.48 -4.92 1.92
CA THR A 75 -7.92 -3.56 2.00
C THR A 75 -6.59 -3.59 2.77
N VAL A 76 -5.62 -4.36 2.28
CA VAL A 76 -4.28 -4.45 2.93
C VAL A 76 -3.34 -3.32 2.47
N GLU A 77 -3.67 -2.63 1.37
CA GLU A 77 -2.75 -1.73 0.62
C GLU A 77 -2.32 -0.51 1.46
N HIS A 78 -3.18 0.12 2.27
CA HIS A 78 -2.76 1.37 2.97
C HIS A 78 -1.79 0.99 4.08
N LEU A 79 -2.05 -0.10 4.81
CA LEU A 79 -1.14 -0.59 5.84
C LEU A 79 0.16 -1.11 5.18
N LEU A 80 0.10 -1.83 4.07
CA LEU A 80 1.36 -2.30 3.45
C LEU A 80 2.15 -1.11 2.95
N SER A 81 1.49 -0.03 2.53
CA SER A 81 2.16 1.20 2.03
C SER A 81 3.00 1.76 3.19
N ALA A 82 2.39 1.88 4.37
CA ALA A 82 3.08 2.39 5.57
C ALA A 82 4.29 1.50 5.90
N MET A 83 4.11 0.20 5.81
CA MET A 83 5.18 -0.75 6.16
C MET A 83 6.33 -0.62 5.14
N ALA A 84 6.04 -0.47 3.85
CA ALA A 84 7.05 -0.30 2.79
C ALA A 84 7.80 1.02 3.03
N GLY A 85 7.05 2.06 3.41
CA GLY A 85 7.56 3.43 3.57
C GLY A 85 8.50 3.56 4.75
N LEU A 86 8.32 2.72 5.78
CA LEU A 86 9.13 2.72 7.03
C LEU A 86 10.18 1.63 7.00
N GLY A 87 10.14 0.76 5.99
CA GLY A 87 11.14 -0.32 5.83
C GLY A 87 10.89 -1.50 6.76
N ILE A 88 9.64 -1.79 7.11
CA ILE A 88 9.28 -3.02 7.89
C ILE A 88 9.28 -4.24 6.95
N ASP A 89 10.13 -5.23 7.25
CA ASP A 89 10.21 -6.52 6.53
C ASP A 89 9.28 -7.56 7.16
N ASN A 90 9.26 -7.59 8.48
CA ASN A 90 8.76 -8.73 9.27
C ASN A 90 7.71 -8.21 10.25
N ALA A 91 6.49 -8.74 10.21
CA ALA A 91 5.42 -8.35 11.16
C ALA A 91 4.24 -9.29 11.05
N TYR A 92 3.57 -9.52 12.18
CA TYR A 92 2.28 -10.25 12.24
C TYR A 92 1.23 -9.15 12.37
N VAL A 93 0.21 -9.20 11.52
CA VAL A 93 -0.91 -8.22 11.56
C VAL A 93 -2.15 -8.99 12.00
N GLU A 94 -2.53 -8.88 13.26
CA GLU A 94 -3.73 -9.61 13.75
C GLU A 94 -4.94 -8.74 13.50
N LEU A 95 -6.04 -9.33 13.05
CA LEU A 95 -7.33 -8.66 12.79
C LEU A 95 -8.47 -9.50 13.38
N SER A 96 -9.45 -8.86 14.02
CA SER A 96 -10.67 -9.48 14.59
C SER A 96 -11.77 -9.64 13.52
N ALA A 97 -11.54 -9.21 12.29
CA ALA A 97 -12.51 -9.28 11.17
C ALA A 97 -11.78 -9.23 9.82
N SER A 98 -12.55 -9.31 8.73
CA SER A 98 -12.09 -9.64 7.37
C SER A 98 -11.49 -8.41 6.65
N GLU A 99 -11.31 -7.27 7.31
CA GLU A 99 -10.84 -6.04 6.61
C GLU A 99 -10.05 -5.19 7.60
N VAL A 100 -8.87 -4.76 7.16
CA VAL A 100 -8.02 -3.76 7.84
C VAL A 100 -8.89 -2.54 8.09
N PRO A 101 -8.80 -1.90 9.27
CA PRO A 101 -9.48 -0.62 9.48
C PRO A 101 -8.99 0.47 8.51
N ILE A 102 -9.92 1.31 8.02
CA ILE A 102 -9.63 2.43 7.07
C ILE A 102 -9.01 3.63 7.81
N MET A 103 -9.23 3.78 9.11
CA MET A 103 -8.73 4.95 9.88
C MET A 103 -9.20 6.24 9.19
N ASP A 104 -8.31 7.16 8.79
CA ASP A 104 -8.70 8.45 8.13
C ASP A 104 -8.66 8.32 6.58
N GLY A 105 -8.51 7.10 6.05
CA GLY A 105 -8.47 6.78 4.62
C GLY A 105 -7.05 6.90 4.05
N SER A 106 -6.06 7.23 4.88
CA SER A 106 -4.64 7.40 4.44
C SER A 106 -3.73 6.40 5.16
N ALA A 107 -2.42 6.52 4.96
CA ALA A 107 -1.42 5.74 5.70
C ALA A 107 -0.95 6.54 6.92
N GLY A 108 -1.40 7.78 7.12
CA GLY A 108 -0.93 8.67 8.21
C GLY A 108 -1.07 7.98 9.58
N PRO A 109 -2.28 7.48 9.95
CA PRO A 109 -2.41 6.87 11.27
C PRO A 109 -1.51 5.63 11.48
N PHE A 110 -1.26 4.88 10.41
CA PHE A 110 -0.38 3.67 10.45
C PHE A 110 1.08 4.07 10.63
N VAL A 111 1.59 5.07 9.91
CA VAL A 111 3.02 5.50 10.06
C VAL A 111 3.20 6.04 11.48
N PHE A 112 2.22 6.78 12.00
CA PHE A 112 2.30 7.33 13.39
C PHE A 112 2.30 6.17 14.41
N LEU A 113 1.42 5.20 14.29
CA LEU A 113 1.28 4.08 15.28
C LEU A 113 2.57 3.25 15.25
N ILE A 114 3.12 2.97 14.08
CA ILE A 114 4.41 2.22 13.94
C ILE A 114 5.58 3.03 14.52
N GLN A 115 5.73 4.29 14.15
CA GLN A 115 6.87 5.11 14.63
C GLN A 115 6.73 5.30 16.14
N SER A 116 5.50 5.33 16.67
CA SER A 116 5.20 5.40 18.13
C SER A 116 5.74 4.16 18.85
N ALA A 117 5.37 2.97 18.40
CA ALA A 117 5.89 1.67 18.90
C ALA A 117 7.42 1.60 18.72
N GLY A 118 7.92 2.09 17.60
CA GLY A 118 9.35 2.06 17.22
C GLY A 118 9.71 0.83 16.40
N LEU A 119 10.80 0.96 15.69
CA LEU A 119 11.30 -0.12 14.80
C LEU A 119 12.53 -0.72 15.44
N GLN A 120 12.75 -1.99 15.12
CA GLN A 120 13.81 -2.87 15.67
C GLN A 120 14.61 -3.41 14.48
N GLU A 121 15.87 -3.01 14.34
CA GLU A 121 16.83 -3.61 13.38
C GLU A 121 17.10 -5.04 13.83
N GLN A 122 17.19 -5.98 12.88
CA GLN A 122 17.32 -7.42 13.17
C GLN A 122 18.65 -7.87 12.56
N GLU A 123 19.25 -8.94 13.04
CA GLU A 123 20.63 -9.34 12.69
C GLU A 123 20.60 -10.20 11.43
N ALA A 124 20.12 -9.60 10.34
CA ALA A 124 20.11 -10.20 8.98
C ALA A 124 20.01 -9.10 7.91
N ALA A 125 20.67 -9.34 6.77
CA ALA A 125 20.65 -8.46 5.60
C ALA A 125 19.21 -8.33 5.10
N LYS A 126 18.77 -7.10 4.89
CA LYS A 126 17.50 -6.81 4.17
C LYS A 126 17.71 -7.17 2.71
N LYS A 127 16.81 -7.95 2.13
CA LYS A 127 16.87 -8.35 0.71
C LYS A 127 16.02 -7.39 -0.12
N PHE A 128 16.57 -6.92 -1.24
CA PHE A 128 15.86 -6.06 -2.21
C PHE A 128 15.72 -6.81 -3.53
N ILE A 129 14.66 -6.50 -4.27
CA ILE A 129 14.46 -6.94 -5.67
C ILE A 129 14.89 -5.79 -6.56
N ARG A 130 16.01 -5.96 -7.26
CA ARG A 130 16.51 -4.97 -8.21
C ARG A 130 15.98 -5.32 -9.60
N ILE A 131 15.33 -4.36 -10.23
CA ILE A 131 14.80 -4.48 -11.61
C ILE A 131 16.00 -4.35 -12.55
N LYS A 132 16.19 -5.35 -13.41
CA LYS A 132 17.34 -5.45 -14.35
C LYS A 132 16.89 -5.11 -15.77
N ARG A 133 15.61 -5.31 -16.10
CA ARG A 133 15.07 -5.14 -17.46
C ARG A 133 13.64 -4.64 -17.30
N GLU A 134 13.17 -3.83 -18.26
CA GLU A 134 11.77 -3.41 -18.41
C GLU A 134 10.80 -4.60 -18.31
N VAL A 135 9.78 -4.45 -17.49
CA VAL A 135 8.64 -5.39 -17.47
C VAL A 135 7.39 -4.53 -17.49
N SER A 136 6.48 -4.76 -18.41
CA SER A 136 5.25 -3.94 -18.48
C SER A 136 4.05 -4.84 -18.73
N VAL A 137 2.92 -4.43 -18.19
CA VAL A 137 1.62 -5.07 -18.51
C VAL A 137 0.69 -3.95 -18.95
N GLU A 138 -0.18 -4.28 -19.87
CA GLU A 138 -1.19 -3.35 -20.42
C GLU A 138 -2.54 -4.06 -20.42
N GLU A 139 -3.61 -3.31 -20.27
CA GLU A 139 -4.95 -3.82 -20.60
C GLU A 139 -5.79 -2.62 -20.98
N GLY A 140 -6.18 -2.53 -22.26
CA GLY A 140 -6.98 -1.40 -22.76
C GLY A 140 -6.14 -0.13 -22.70
N ASP A 141 -6.59 0.91 -22.01
CA ASP A 141 -5.78 2.15 -21.88
C ASP A 141 -4.95 2.14 -20.57
N LYS A 142 -5.01 1.08 -19.77
CA LYS A 142 -4.23 0.99 -18.50
C LYS A 142 -2.82 0.43 -18.78
N ARG A 143 -1.83 0.92 -18.04
CA ARG A 143 -0.43 0.45 -18.14
C ARG A 143 0.25 0.49 -16.78
N ALA A 144 1.09 -0.50 -16.51
CA ALA A 144 1.95 -0.59 -15.31
C ALA A 144 3.30 -1.11 -15.73
N VAL A 145 4.39 -0.42 -15.40
CA VAL A 145 5.73 -0.82 -15.89
C VAL A 145 6.73 -0.70 -14.75
N PHE A 146 7.68 -1.64 -14.73
CA PHE A 146 8.95 -1.49 -13.97
C PHE A 146 10.05 -1.21 -14.98
N VAL A 147 10.91 -0.25 -14.68
CA VAL A 147 12.19 -0.07 -15.41
C VAL A 147 13.30 0.02 -14.40
N PRO A 148 14.53 -0.32 -14.83
CA PRO A 148 15.71 -0.20 -13.98
C PRO A 148 15.90 1.25 -13.53
N PHE A 149 16.29 1.40 -12.29
CA PHE A 149 16.54 2.69 -11.63
C PHE A 149 17.32 2.42 -10.34
N ASP A 150 18.37 3.19 -10.11
CA ASP A 150 19.28 2.98 -8.95
C ASP A 150 18.71 3.74 -7.75
N GLY A 151 17.63 3.23 -7.15
CA GLY A 151 16.85 3.92 -6.11
C GLY A 151 15.45 3.36 -6.09
N PHE A 152 14.48 4.09 -5.58
CA PHE A 152 13.04 3.69 -5.70
C PHE A 152 12.24 4.94 -6.03
N LYS A 153 11.55 4.88 -7.15
CA LYS A 153 10.79 6.03 -7.70
C LYS A 153 9.43 5.51 -8.22
N VAL A 154 8.37 6.27 -7.94
CA VAL A 154 7.03 6.00 -8.50
C VAL A 154 6.50 7.22 -9.26
N SER A 155 6.09 7.00 -10.51
CA SER A 155 5.35 7.97 -11.32
C SER A 155 3.93 7.44 -11.57
N PHE A 156 2.94 8.32 -11.48
CA PHE A 156 1.54 7.91 -11.66
C PHE A 156 0.76 9.01 -12.37
N GLU A 157 -0.11 8.57 -13.25
CA GLU A 157 -1.08 9.43 -13.96
C GLU A 157 -2.47 8.80 -13.84
N ILE A 158 -3.41 9.62 -13.40
CA ILE A 158 -4.87 9.34 -13.40
C ILE A 158 -5.48 10.20 -14.50
N ASP A 159 -6.69 9.88 -14.93
CA ASP A 159 -7.38 10.68 -15.99
C ASP A 159 -8.88 10.61 -15.72
N PHE A 160 -9.41 11.60 -15.03
CA PHE A 160 -10.84 11.75 -14.66
C PHE A 160 -11.37 12.99 -15.38
N ASP A 161 -12.53 12.88 -16.03
CA ASP A 161 -13.16 13.96 -16.86
C ASP A 161 -14.14 14.78 -15.99
N HIS A 162 -13.93 14.79 -14.67
CA HIS A 162 -14.88 15.31 -13.66
C HIS A 162 -14.49 16.76 -13.36
N PRO A 163 -15.47 17.68 -13.23
CA PRO A 163 -15.16 19.10 -13.00
C PRO A 163 -14.14 19.35 -11.88
N VAL A 164 -14.13 18.49 -10.87
CA VAL A 164 -13.27 18.67 -9.67
C VAL A 164 -11.81 18.34 -10.04
N PHE A 165 -11.58 17.63 -11.14
CA PHE A 165 -10.23 17.32 -11.68
C PHE A 165 -9.79 18.35 -12.74
N ARG A 166 -10.70 19.13 -13.32
CA ARG A 166 -10.38 20.11 -14.40
C ARG A 166 -9.19 20.98 -13.94
N GLY A 167 -8.12 21.00 -14.73
CA GLY A 167 -6.91 21.82 -14.46
C GLY A 167 -6.16 21.43 -13.19
N ARG A 168 -6.49 20.29 -12.57
CA ARG A 168 -5.81 19.81 -11.34
C ARG A 168 -4.62 18.93 -11.77
N THR A 169 -3.57 18.86 -10.93
CA THR A 169 -2.42 17.94 -11.09
C THR A 169 -2.98 16.51 -11.09
N GLN A 170 -2.92 15.80 -12.24
CA GLN A 170 -3.38 14.39 -12.42
C GLN A 170 -2.15 13.48 -12.65
N GLN A 171 -0.96 13.99 -12.39
CA GLN A 171 0.29 13.24 -12.61
C GLN A 171 1.27 13.68 -11.53
N ALA A 172 2.01 12.76 -10.97
CA ALA A 172 3.06 13.08 -9.97
C ALA A 172 4.13 12.01 -10.06
N SER A 173 5.35 12.37 -9.63
CA SER A 173 6.54 11.50 -9.54
C SER A 173 7.09 11.76 -8.16
N VAL A 174 7.34 10.70 -7.40
CA VAL A 174 8.10 10.80 -6.13
C VAL A 174 9.35 9.92 -6.23
N ASP A 175 10.49 10.52 -5.98
CA ASP A 175 11.80 9.84 -5.83
C ASP A 175 12.09 9.79 -4.33
N PHE A 176 12.05 8.61 -3.73
CA PHE A 176 12.14 8.45 -2.26
C PHE A 176 13.56 8.76 -1.73
N SER A 177 14.53 9.05 -2.62
CA SER A 177 15.84 9.65 -2.25
C SER A 177 15.68 11.17 -2.01
N SER A 178 14.84 11.86 -2.80
CA SER A 178 14.55 13.31 -2.65
C SER A 178 13.51 13.52 -1.54
N THR A 179 12.41 12.75 -1.58
CA THR A 179 11.12 13.03 -0.92
C THR A 179 10.83 12.01 0.20
N SER A 180 10.28 12.52 1.30
CA SER A 180 9.77 11.76 2.47
C SER A 180 8.47 11.03 2.09
N PHE A 181 8.45 9.71 2.09
CA PHE A 181 7.16 8.95 2.12
C PHE A 181 6.22 9.62 3.13
N VAL A 182 6.69 9.84 4.36
CA VAL A 182 5.81 10.32 5.45
C VAL A 182 5.17 11.68 5.09
N LYS A 183 5.95 12.68 4.70
CA LYS A 183 5.43 14.09 4.59
C LYS A 183 4.64 14.25 3.28
N GLU A 184 5.07 13.54 2.23
CA GLU A 184 4.66 13.74 0.82
C GLU A 184 3.51 12.83 0.39
N VAL A 185 3.40 11.60 0.93
CA VAL A 185 2.48 10.55 0.40
C VAL A 185 1.59 10.01 1.52
N SER A 186 2.12 9.74 2.72
CA SER A 186 1.37 8.95 3.75
C SER A 186 0.00 9.58 4.09
N ARG A 187 -0.17 10.90 4.06
CA ARG A 187 -1.42 11.57 4.48
C ARG A 187 -2.46 11.68 3.36
N ALA A 188 -2.13 11.27 2.13
CA ALA A 188 -3.10 11.35 1.01
C ALA A 188 -4.24 10.31 1.19
N ARG A 189 -5.45 10.80 1.16
CA ARG A 189 -6.58 9.94 1.48
C ARG A 189 -7.27 9.32 0.26
N THR A 190 -8.01 8.28 0.60
CA THR A 190 -8.96 7.58 -0.28
C THR A 190 -10.01 8.62 -0.75
N PHE A 191 -10.41 8.56 -2.01
CA PHE A 191 -11.43 9.48 -2.56
C PHE A 191 -12.55 8.69 -3.24
N GLY A 192 -13.73 9.29 -3.28
CA GLY A 192 -14.96 8.65 -3.80
C GLY A 192 -15.94 9.66 -4.36
N PHE A 193 -16.82 9.23 -5.25
CA PHE A 193 -17.79 10.10 -5.96
C PHE A 193 -19.19 9.80 -5.41
N MET A 194 -19.90 10.86 -4.98
CA MET A 194 -21.34 10.79 -4.58
C MET A 194 -22.13 10.03 -5.65
N ARG A 195 -21.91 10.35 -6.92
CA ARG A 195 -22.72 9.74 -8.01
C ARG A 195 -22.51 8.22 -8.06
N ASP A 196 -21.52 7.66 -7.35
CA ASP A 196 -21.21 6.19 -7.37
C ASP A 196 -21.80 5.44 -6.17
N ILE A 197 -22.15 6.10 -5.06
CA ILE A 197 -22.24 5.44 -3.72
C ILE A 197 -23.36 4.40 -3.73
N GLU A 198 -24.43 4.64 -4.49
CA GLU A 198 -25.58 3.72 -4.62
C GLU A 198 -25.10 2.41 -5.29
N TYR A 199 -24.42 2.50 -6.41
CA TYR A 199 -23.89 1.29 -7.09
C TYR A 199 -22.91 0.55 -6.15
N LEU A 200 -22.04 1.28 -5.47
CA LEU A 200 -20.95 0.66 -4.64
C LEU A 200 -21.58 -0.09 -3.47
N ARG A 201 -22.49 0.55 -2.72
CA ARG A 201 -23.17 -0.10 -1.57
C ARG A 201 -23.91 -1.35 -2.07
N SER A 202 -24.46 -1.32 -3.28
CA SER A 202 -25.19 -2.48 -3.85
C SER A 202 -24.22 -3.63 -4.11
N GLN A 203 -22.91 -3.34 -4.15
CA GLN A 203 -21.83 -4.33 -4.40
C GLN A 203 -21.05 -4.63 -3.11
N ASN A 204 -21.55 -4.20 -1.95
CA ASN A 204 -20.90 -4.38 -0.62
C ASN A 204 -19.54 -3.68 -0.62
N LEU A 205 -19.47 -2.57 -1.35
CA LEU A 205 -18.31 -1.69 -1.35
C LEU A 205 -18.69 -0.40 -0.62
N ALA A 206 -17.69 0.16 0.07
CA ALA A 206 -17.74 1.49 0.68
C ALA A 206 -18.84 1.61 1.73
N LEU A 207 -19.28 0.50 2.33
CA LEU A 207 -20.36 0.53 3.34
C LEU A 207 -19.94 1.37 4.54
N GLY A 208 -18.63 1.46 4.84
CA GLY A 208 -18.08 2.22 5.98
C GLY A 208 -17.57 3.58 5.57
N GLY A 209 -17.77 3.95 4.30
CA GLY A 209 -17.22 5.19 3.71
C GLY A 209 -17.96 6.40 4.24
N SER A 210 -17.26 7.49 4.52
CA SER A 210 -17.86 8.80 4.86
C SER A 210 -16.77 9.87 4.77
N VAL A 211 -17.14 11.13 4.98
CA VAL A 211 -16.14 12.25 4.97
C VAL A 211 -15.11 12.04 6.09
N GLU A 212 -15.33 11.14 7.03
CA GLU A 212 -14.41 10.87 8.15
C GLU A 212 -13.24 10.03 7.66
N ASN A 213 -13.41 9.27 6.57
CA ASN A 213 -12.33 8.38 6.08
C ASN A 213 -12.13 8.52 4.56
N ALA A 214 -12.66 9.53 3.91
CA ALA A 214 -12.52 9.71 2.45
C ALA A 214 -12.80 11.14 2.03
N ILE A 215 -12.16 11.57 0.95
CA ILE A 215 -12.52 12.79 0.18
C ILE A 215 -13.77 12.41 -0.60
N VAL A 216 -14.88 13.06 -0.28
CA VAL A 216 -16.17 12.80 -0.98
C VAL A 216 -16.42 13.92 -1.98
N VAL A 217 -16.47 13.57 -3.26
CA VAL A 217 -16.60 14.53 -4.37
C VAL A 217 -18.06 14.55 -4.85
N ASP A 218 -18.61 15.75 -4.91
CA ASP A 218 -20.01 15.91 -5.36
C ASP A 218 -20.13 16.90 -6.50
N GLU A 219 -20.09 16.41 -7.75
CA GLU A 219 -20.39 17.17 -9.00
C GLU A 219 -19.41 18.28 -9.37
N ASN A 220 -19.27 19.29 -8.51
CA ASN A 220 -18.34 20.40 -8.78
C ASN A 220 -17.51 20.67 -7.54
N ARG A 221 -17.71 19.94 -6.44
CA ARG A 221 -16.91 20.28 -5.24
C ARG A 221 -16.70 19.06 -4.33
N VAL A 222 -15.66 19.17 -3.53
CA VAL A 222 -15.33 18.26 -2.41
C VAL A 222 -16.29 18.60 -1.28
N LEU A 223 -16.96 17.63 -0.68
CA LEU A 223 -17.93 17.88 0.42
C LEU A 223 -17.21 18.11 1.75
N ASN A 224 -16.03 17.52 1.95
CA ASN A 224 -15.31 17.62 3.25
C ASN A 224 -15.14 19.10 3.57
N GLU A 225 -15.57 19.54 4.75
CA GLU A 225 -15.64 20.99 5.07
C GLU A 225 -14.22 21.60 5.16
N ASP A 226 -13.21 20.83 5.57
CA ASP A 226 -11.81 21.31 5.77
C ASP A 226 -10.94 21.05 4.52
N GLY A 227 -11.48 20.47 3.46
CA GLY A 227 -10.86 20.45 2.11
C GLY A 227 -9.76 19.41 1.97
N LEU A 228 -8.76 19.72 1.13
CA LEU A 228 -7.68 18.77 0.72
C LEU A 228 -6.44 19.01 1.56
N ARG A 229 -5.65 17.96 1.74
CA ARG A 229 -4.34 18.02 2.46
C ARG A 229 -3.26 18.38 1.45
N TYR A 230 -3.52 18.15 0.17
CA TYR A 230 -2.58 18.42 -0.93
C TYR A 230 -3.37 18.87 -2.14
N GLU A 231 -2.82 19.79 -2.93
CA GLU A 231 -3.45 20.17 -4.21
C GLU A 231 -3.63 18.92 -5.09
N ASP A 232 -2.68 18.00 -5.03
CA ASP A 232 -2.62 16.79 -5.89
C ASP A 232 -2.91 15.55 -5.03
N GLU A 233 -3.79 15.68 -4.05
CA GLU A 233 -4.08 14.62 -3.06
C GLU A 233 -4.53 13.35 -3.80
N PHE A 234 -5.32 13.49 -4.87
CA PHE A 234 -5.96 12.33 -5.51
C PHE A 234 -4.87 11.45 -6.11
N VAL A 235 -3.97 12.01 -6.91
CA VAL A 235 -2.86 11.24 -7.54
C VAL A 235 -1.85 10.76 -6.49
N LYS A 236 -1.62 11.51 -5.43
CA LYS A 236 -0.76 11.09 -4.29
C LYS A 236 -1.35 9.83 -3.64
N HIS A 237 -2.67 9.76 -3.52
CA HIS A 237 -3.33 8.56 -2.93
C HIS A 237 -3.11 7.35 -3.85
N LYS A 238 -3.15 7.51 -5.17
CA LYS A 238 -2.94 6.38 -6.11
C LYS A 238 -1.48 5.92 -6.02
N ILE A 239 -0.56 6.83 -5.75
CA ILE A 239 0.88 6.46 -5.52
C ILE A 239 0.95 5.65 -4.22
N LEU A 240 0.27 6.11 -3.17
CA LEU A 240 0.16 5.36 -1.89
C LEU A 240 -0.40 3.95 -2.15
N ASP A 241 -1.48 3.82 -2.91
CA ASP A 241 -2.07 2.50 -3.25
C ASP A 241 -1.04 1.63 -3.98
N ALA A 242 -0.33 2.17 -4.94
CA ALA A 242 0.64 1.42 -5.76
C ALA A 242 1.76 0.89 -4.87
N ILE A 243 2.29 1.72 -3.97
CA ILE A 243 3.36 1.27 -3.06
C ILE A 243 2.86 0.07 -2.25
N GLY A 244 1.66 0.17 -1.70
CA GLY A 244 1.00 -0.90 -0.95
C GLY A 244 0.80 -2.14 -1.80
N ASP A 245 0.24 -2.00 -3.00
CA ASP A 245 0.02 -3.15 -3.92
C ASP A 245 1.38 -3.82 -4.21
N LEU A 246 2.41 -3.04 -4.48
CA LEU A 246 3.72 -3.56 -4.96
C LEU A 246 4.52 -4.25 -3.83
N TYR A 247 4.24 -3.90 -2.58
CA TYR A 247 4.90 -4.51 -1.41
C TYR A 247 4.46 -5.98 -1.23
N LEU A 248 3.42 -6.43 -1.90
CA LEU A 248 3.07 -7.87 -1.96
C LEU A 248 4.17 -8.67 -2.65
N LEU A 249 5.19 -8.04 -3.25
CA LEU A 249 6.33 -8.78 -3.82
C LEU A 249 7.10 -9.46 -2.67
N GLY A 250 7.06 -8.86 -1.48
CA GLY A 250 7.62 -9.46 -0.25
C GLY A 250 8.96 -8.86 0.08
N ASN A 251 9.41 -7.93 -0.73
CA ASN A 251 10.74 -7.29 -0.55
C ASN A 251 10.61 -5.91 -1.17
N SER A 252 11.38 -4.99 -0.65
CA SER A 252 11.57 -3.63 -1.21
C SER A 252 12.20 -3.70 -2.60
N LEU A 253 11.81 -2.76 -3.46
CA LEU A 253 12.22 -2.70 -4.87
C LEU A 253 13.38 -1.69 -5.01
N ILE A 254 14.30 -2.03 -5.91
CA ILE A 254 15.27 -1.08 -6.50
C ILE A 254 14.91 -0.99 -7.99
N GLY A 255 14.20 0.08 -8.31
CA GLY A 255 13.60 0.23 -9.64
C GLY A 255 12.69 1.40 -9.63
N GLU A 256 12.06 1.61 -10.78
CA GLU A 256 11.05 2.66 -10.98
C GLU A 256 9.77 1.97 -11.43
N PHE A 257 8.67 2.37 -10.81
CA PHE A 257 7.31 1.99 -11.21
C PHE A 257 6.66 3.19 -11.89
N ARG A 258 6.02 2.93 -13.03
CA ARG A 258 5.18 3.94 -13.73
C ARG A 258 3.80 3.33 -13.94
N GLY A 259 2.79 4.00 -13.40
CA GLY A 259 1.37 3.62 -13.56
C GLY A 259 0.62 4.62 -14.42
N PHE A 260 -0.10 4.11 -15.42
CA PHE A 260 -1.08 4.94 -16.17
C PHE A 260 -2.46 4.33 -15.97
N LYS A 261 -3.25 4.97 -15.11
CA LYS A 261 -4.64 4.56 -14.74
C LYS A 261 -4.62 3.12 -14.22
N SER A 262 -3.52 2.74 -13.63
CA SER A 262 -3.28 1.37 -13.10
C SER A 262 -4.04 1.23 -11.77
N GLY A 263 -4.67 0.13 -11.50
CA GLY A 263 -5.23 -0.06 -10.15
C GLY A 263 -4.77 -1.36 -9.54
N HIS A 264 -5.51 -1.83 -8.55
CA HIS A 264 -5.13 -3.04 -7.76
C HIS A 264 -4.96 -4.23 -8.71
N ALA A 265 -5.90 -4.44 -9.65
CA ALA A 265 -5.85 -5.61 -10.54
C ALA A 265 -4.54 -5.57 -11.36
N LEU A 266 -4.26 -4.47 -12.06
CA LEU A 266 -3.12 -4.44 -12.99
C LEU A 266 -1.81 -4.38 -12.19
N ASN A 267 -1.79 -3.74 -11.03
CA ASN A 267 -0.58 -3.74 -10.16
C ASN A 267 -0.24 -5.20 -9.81
N ASN A 268 -1.21 -6.01 -9.43
CA ASN A 268 -0.96 -7.41 -9.04
C ASN A 268 -0.51 -8.20 -10.28
N GLN A 269 -1.06 -7.89 -11.45
CA GLN A 269 -0.67 -8.61 -12.70
C GLN A 269 0.77 -8.26 -13.04
N LEU A 270 1.18 -7.01 -12.82
CA LEU A 270 2.59 -6.62 -13.01
C LEU A 270 3.50 -7.44 -12.08
N LEU A 271 3.12 -7.62 -10.81
CA LEU A 271 3.94 -8.41 -9.87
C LEU A 271 4.06 -9.85 -10.36
N ARG A 272 2.95 -10.44 -10.84
CA ARG A 272 2.92 -11.87 -11.24
C ARG A 272 3.78 -12.03 -12.51
N THR A 273 3.74 -11.05 -13.41
CA THR A 273 4.56 -11.04 -14.65
C THR A 273 6.05 -10.89 -14.29
N LEU A 274 6.39 -10.00 -13.37
CA LEU A 274 7.78 -9.83 -12.89
C LEU A 274 8.28 -11.16 -12.29
N ILE A 275 7.52 -11.79 -11.39
CA ILE A 275 7.95 -13.01 -10.66
C ILE A 275 8.28 -14.09 -11.69
N ALA A 276 7.46 -14.23 -12.72
CA ALA A 276 7.61 -15.24 -13.79
C ALA A 276 8.81 -14.91 -14.68
N ASP A 277 9.11 -13.63 -14.87
CA ASP A 277 10.20 -13.15 -15.78
C ASP A 277 11.49 -13.00 -14.99
N LYS A 278 12.10 -14.12 -14.57
CA LYS A 278 13.20 -14.17 -13.58
C LYS A 278 14.47 -13.49 -14.11
N ASP A 279 14.66 -13.45 -15.42
CA ASP A 279 15.81 -12.71 -16.01
C ASP A 279 15.63 -11.19 -15.84
N ALA A 280 14.46 -10.65 -15.48
CA ALA A 280 14.30 -9.18 -15.37
C ALA A 280 14.62 -8.69 -13.96
N TRP A 281 14.99 -9.56 -13.02
CA TRP A 281 15.25 -9.12 -11.62
C TRP A 281 16.23 -10.04 -10.90
N GLU A 282 16.82 -9.52 -9.82
CA GLU A 282 17.74 -10.27 -8.94
C GLU A 282 17.47 -9.79 -7.52
N VAL A 283 17.77 -10.65 -6.53
CA VAL A 283 17.77 -10.28 -5.08
C VAL A 283 19.16 -9.72 -4.74
N VAL A 284 19.21 -8.57 -4.08
CA VAL A 284 20.50 -7.92 -3.73
C VAL A 284 20.43 -7.54 -2.24
N THR A 285 21.59 -7.48 -1.60
CA THR A 285 21.79 -6.97 -0.22
C THR A 285 22.82 -5.84 -0.33
N PHE A 286 22.93 -4.99 0.69
CA PHE A 286 23.93 -3.91 0.76
C PHE A 286 24.68 -4.07 2.08
N GLU A 287 25.98 -4.36 2.03
CA GLU A 287 26.75 -4.57 3.29
C GLU A 287 27.16 -3.21 3.90
N ASP A 288 26.95 -2.10 3.18
CA ASP A 288 27.14 -0.74 3.75
C ASP A 288 25.95 0.16 3.39
N ALA A 289 25.11 0.46 4.38
CA ALA A 289 23.98 1.41 4.27
C ALA A 289 24.40 2.74 3.65
N ARG A 290 25.61 3.24 3.97
CA ARG A 290 26.08 4.57 3.52
C ARG A 290 26.33 4.60 2.02
N THR A 291 26.67 3.46 1.42
CA THR A 291 27.06 3.40 -0.02
C THR A 291 25.88 2.89 -0.86
N ALA A 292 24.74 2.55 -0.25
CA ALA A 292 23.56 1.96 -0.93
C ALA A 292 22.68 3.06 -1.55
N PRO A 293 21.90 2.76 -2.62
CA PRO A 293 21.15 3.79 -3.35
C PRO A 293 19.81 4.23 -2.72
N ILE A 294 19.45 3.64 -1.59
CA ILE A 294 18.22 4.02 -0.82
C ILE A 294 18.55 3.94 0.67
N SER A 295 17.96 4.84 1.44
CA SER A 295 18.16 4.94 2.90
C SER A 295 16.82 4.94 3.61
N TYR A 296 16.82 4.49 4.84
CA TYR A 296 15.63 4.47 5.72
C TYR A 296 15.94 5.38 6.91
N MET A 297 14.90 5.95 7.50
CA MET A 297 14.95 6.73 8.75
C MET A 297 15.58 5.85 9.85
N ARG A 298 16.23 6.48 10.82
CA ARG A 298 16.72 5.75 12.01
C ARG A 298 15.52 5.00 12.59
N PRO A 299 15.72 3.80 13.15
CA PRO A 299 14.62 3.02 13.70
C PRO A 299 14.11 3.65 15.03
#